data_7UI4
#
_entry.id   7UI4
#
_cell.length_a   86.102
_cell.length_b   141.768
_cell.length_c   42.496
_cell.angle_alpha   90.000
_cell.angle_beta   90.000
_cell.angle_gamma   90.000
#
_symmetry.space_group_name_H-M   'P 21 21 2'
#
loop_
_entity.id
_entity.type
_entity.pdbx_description
1 polymer 'DNA-guanine transglycosylase'
2 non-polymer 'ZINC ION'
3 water water
#
_entity_poly.entity_id   1
_entity_poly.type   'polypeptide(L)'
_entity_poly.pdbx_seq_one_letter_code
;MGSSHHHHHHSSGLVPRGSHMSKLKYFFPDSQDFIDPSFDFVRETRNEHRVRQRDDHYPHEVFPHPYDGMLVSKAVVDGL
GGGESKYTRAQRLRYFRNGMKHFFRLPDNMQTMGDCGAFTYVNQDVPPYRVEEVIEFYETSRFNYGVSLDHIIFGYEKPG
ESFSGEVLAECRRRQDITLTLAQDFLVKSQKSCFTPFGVAHGWNKKSYRQSVEALLAMGYKNITMGGMVPLKTAQILETL
EEIKPLLKSDTQVHLLGIARPESFADFIRLGVTSIDSTTPLQQAFKDRKNNYHTPEGRAYTAVRVPQFDANPSLSRKIKS
GVIDQDVARHLEKDAMHALFEYDNNALSLEKTLEAVLAYERLHSGEKEAEKIRADYERTLGDRPWRKCECNICRSIGINV
IIFRGAERNRRRGFHNIQVLYNRLQYTLSLRSEDKS
;
_entity_poly.pdbx_strand_id   A
#
# COMPACT_ATOMS: atom_id res chain seq x y z
N SER A 22 -0.21 -9.78 -18.48
CA SER A 22 -1.62 -10.19 -18.71
C SER A 22 -2.08 -11.13 -17.59
N LYS A 23 -1.35 -12.24 -17.46
CA LYS A 23 -1.71 -13.34 -16.58
C LYS A 23 -2.00 -12.84 -15.15
N LEU A 24 -1.39 -11.73 -14.72
CA LEU A 24 -1.67 -11.16 -13.38
C LEU A 24 -1.22 -9.70 -13.31
N LYS A 25 -2.20 -8.78 -13.26
CA LYS A 25 -1.95 -7.33 -13.22
C LYS A 25 -1.84 -6.86 -11.76
N TYR A 26 -1.06 -5.79 -11.55
CA TYR A 26 -0.89 -5.17 -10.24
C TYR A 26 -1.34 -3.71 -10.31
N PHE A 27 -2.25 -3.33 -9.41
CA PHE A 27 -2.82 -1.98 -9.35
C PHE A 27 -2.42 -1.31 -8.04
N PHE A 28 -2.09 -0.03 -8.12
CA PHE A 28 -1.62 0.70 -6.98
C PHE A 28 -2.76 1.53 -6.43
N PRO A 29 -3.19 1.32 -5.16
CA PRO A 29 -4.27 2.09 -4.58
C PRO A 29 -3.80 3.48 -4.15
N ASP A 30 -4.55 4.51 -4.57
CA ASP A 30 -4.24 5.89 -4.29
C ASP A 30 -4.64 6.23 -2.85
N SER A 31 -3.66 6.56 -2.01
CA SER A 31 -3.91 7.11 -0.67
C SER A 31 -3.02 8.36 -0.46
N GLN A 32 -2.95 9.21 -1.49
CA GLN A 32 -2.15 10.45 -1.52
C GLN A 32 -0.71 10.14 -1.08
N ASP A 33 -0.08 9.25 -1.86
CA ASP A 33 1.30 8.80 -1.65
C ASP A 33 2.14 9.33 -2.82
N PHE A 34 2.55 10.60 -2.69
CA PHE A 34 3.39 11.29 -3.66
C PHE A 34 4.57 11.90 -2.90
N ILE A 35 5.65 12.20 -3.63
CA ILE A 35 6.86 12.74 -3.02
C ILE A 35 7.10 14.14 -3.57
N ASP A 36 7.81 14.95 -2.77
CA ASP A 36 8.18 16.32 -3.09
C ASP A 36 9.58 16.32 -3.72
N PRO A 37 9.71 16.54 -5.04
CA PRO A 37 11.03 16.50 -5.69
C PRO A 37 11.92 17.71 -5.39
N SER A 38 11.39 18.70 -4.66
CA SER A 38 12.15 19.87 -4.25
C SER A 38 12.85 19.65 -2.90
N PHE A 39 12.74 18.45 -2.30
CA PHE A 39 13.34 18.20 -0.99
C PHE A 39 14.86 18.16 -1.11
N ASP A 40 15.53 18.98 -0.30
CA ASP A 40 16.98 18.97 -0.18
C ASP A 40 17.33 18.02 0.96
N PHE A 41 18.00 16.92 0.64
CA PHE A 41 18.26 15.85 1.60
C PHE A 41 19.35 16.26 2.60
N VAL A 42 20.26 17.13 2.16
CA VAL A 42 21.34 17.58 3.01
C VAL A 42 20.79 18.64 3.98
N ARG A 43 20.11 19.66 3.45
CA ARG A 43 19.63 20.80 4.26
C ARG A 43 18.30 20.49 4.95
N GLU A 44 17.47 19.61 4.35
CA GLU A 44 16.14 19.25 4.88
C GLU A 44 15.22 20.46 4.83
N THR A 45 15.33 21.20 3.73
CA THR A 45 14.35 22.17 3.34
C THR A 45 13.70 21.70 2.04
N ARG A 46 12.68 22.47 1.64
CA ARG A 46 11.99 22.24 0.41
C ARG A 46 11.57 23.61 -0.14
N ASN A 47 10.91 23.59 -1.28
CA ASN A 47 10.24 24.75 -1.82
C ASN A 47 8.87 24.89 -1.17
N GLU A 48 8.75 25.86 -0.24
CA GLU A 48 7.55 26.06 0.59
C GLU A 48 6.37 26.59 -0.24
N HIS A 49 6.67 27.08 -1.45
CA HIS A 49 5.68 27.70 -2.32
C HIS A 49 5.09 26.68 -3.31
N ARG A 50 5.50 25.41 -3.20
CA ARG A 50 5.02 24.34 -4.06
C ARG A 50 3.66 23.82 -3.55
N VAL A 51 2.78 23.46 -4.49
CA VAL A 51 1.40 23.07 -4.19
C VAL A 51 1.33 21.54 -4.08
N ARG A 52 0.72 21.05 -3.00
CA ARG A 52 0.62 19.63 -2.75
C ARG A 52 -0.21 18.99 -3.88
N GLN A 53 0.30 17.85 -4.37
CA GLN A 53 -0.33 16.98 -5.38
C GLN A 53 0.04 17.49 -6.78
N ARG A 54 -0.25 18.76 -7.06
CA ARG A 54 -0.07 19.30 -8.38
C ARG A 54 1.42 19.25 -8.76
N ASP A 55 2.31 19.53 -7.80
CA ASP A 55 3.76 19.68 -8.03
C ASP A 55 4.56 18.46 -7.51
N ASP A 56 3.87 17.36 -7.17
CA ASP A 56 4.50 16.21 -6.52
C ASP A 56 4.48 15.00 -7.47
N HIS A 57 5.26 13.97 -7.14
CA HIS A 57 5.41 12.79 -8.00
C HIS A 57 4.78 11.56 -7.35
N TYR A 58 3.96 10.86 -8.15
CA TYR A 58 3.56 9.48 -7.88
C TYR A 58 4.66 8.55 -8.34
N PRO A 59 4.63 7.25 -7.94
CA PRO A 59 5.66 6.31 -8.37
C PRO A 59 5.82 6.24 -9.90
N HIS A 60 4.73 6.36 -10.64
CA HIS A 60 4.75 6.22 -12.10
C HIS A 60 5.39 7.45 -12.77
N GLU A 61 5.66 8.51 -12.00
CA GLU A 61 6.38 9.68 -12.48
C GLU A 61 7.87 9.59 -12.13
N VAL A 62 8.25 8.59 -11.34
CA VAL A 62 9.62 8.39 -10.87
C VAL A 62 10.25 7.17 -11.57
N PHE A 63 9.41 6.15 -11.84
CA PHE A 63 9.80 4.90 -12.47
C PHE A 63 9.11 4.80 -13.83
N PRO A 64 9.71 4.10 -14.82
CA PRO A 64 9.05 3.89 -16.11
C PRO A 64 7.67 3.23 -15.93
N HIS A 65 7.64 2.02 -15.34
CA HIS A 65 6.42 1.20 -15.28
C HIS A 65 6.42 0.33 -14.01
N PRO A 66 6.05 0.91 -12.84
CA PRO A 66 6.07 0.19 -11.56
C PRO A 66 4.74 -0.47 -11.14
N TYR A 67 3.72 -0.30 -11.96
CA TYR A 67 2.46 -0.98 -11.80
C TYR A 67 1.70 -0.89 -13.13
N ASP A 68 0.61 -1.67 -13.22
CA ASP A 68 -0.16 -1.78 -14.43
C ASP A 68 -1.32 -0.78 -14.39
N GLY A 69 -1.56 -0.14 -13.24
CA GLY A 69 -2.66 0.84 -13.13
C GLY A 69 -2.89 1.32 -11.71
N MET A 70 -3.83 2.28 -11.57
CA MET A 70 -4.23 2.78 -10.26
C MET A 70 -5.68 2.43 -9.94
N LEU A 71 -5.94 2.29 -8.64
CA LEU A 71 -7.24 2.07 -8.07
C LEU A 71 -7.56 3.28 -7.18
N VAL A 72 -8.70 3.93 -7.49
CA VAL A 72 -9.13 5.18 -6.91
C VAL A 72 -10.43 4.93 -6.14
N SER A 73 -10.47 5.34 -4.87
CA SER A 73 -11.65 5.12 -4.00
C SER A 73 -12.51 6.39 -3.96
N LYS A 74 -13.82 6.20 -4.16
CA LYS A 74 -14.74 7.32 -4.15
C LYS A 74 -14.71 8.02 -2.78
N ALA A 75 -14.69 7.22 -1.70
CA ALA A 75 -14.76 7.77 -0.34
C ALA A 75 -13.52 8.64 -0.03
N VAL A 76 -12.39 8.27 -0.63
CA VAL A 76 -11.13 8.97 -0.44
C VAL A 76 -11.16 10.31 -1.19
N VAL A 77 -11.60 10.26 -2.45
CA VAL A 77 -11.73 11.46 -3.28
C VAL A 77 -12.75 12.42 -2.66
N ASP A 78 -13.80 11.88 -2.03
CA ASP A 78 -14.83 12.71 -1.38
C ASP A 78 -14.33 13.19 -0.01
N GLY A 79 -13.07 12.92 0.33
CA GLY A 79 -12.42 13.51 1.49
C GLY A 79 -12.84 12.88 2.80
N LEU A 80 -14.16 12.86 3.05
CA LEU A 80 -14.77 12.17 4.19
C LEU A 80 -14.49 10.66 4.07
N GLY A 81 -13.34 10.25 4.61
CA GLY A 81 -12.88 8.86 4.62
C GLY A 81 -11.37 8.77 4.46
N GLY A 82 -10.74 7.95 5.32
CA GLY A 82 -9.29 7.88 5.47
C GLY A 82 -8.86 8.51 6.79
N GLY A 83 -9.60 9.55 7.22
CA GLY A 83 -9.55 10.11 8.58
C GLY A 83 -8.37 11.07 8.78
N GLU A 84 -7.83 11.55 7.65
CA GLU A 84 -6.42 11.91 7.54
C GLU A 84 -6.26 13.20 6.73
N SER A 85 -4.99 13.55 6.48
CA SER A 85 -4.59 14.50 5.42
C SER A 85 -5.07 13.95 4.06
N LYS A 86 -6.37 14.15 3.79
CA LYS A 86 -7.09 13.49 2.71
C LYS A 86 -7.29 14.47 1.56
N TYR A 87 -8.16 14.12 0.60
CA TYR A 87 -8.44 15.01 -0.52
C TYR A 87 -9.04 16.32 0.01
N THR A 88 -8.47 17.44 -0.44
CA THR A 88 -9.03 18.75 -0.18
C THR A 88 -10.08 19.04 -1.25
N ARG A 89 -10.94 20.03 -0.97
CA ARG A 89 -12.02 20.47 -1.86
C ARG A 89 -11.42 20.98 -3.19
N ALA A 90 -10.22 21.55 -3.12
CA ALA A 90 -9.52 22.12 -4.29
C ALA A 90 -9.01 21.00 -5.21
N GLN A 91 -8.35 20.02 -4.58
CA GLN A 91 -7.91 18.79 -5.23
C GLN A 91 -9.12 18.10 -5.89
N ARG A 92 -10.21 17.99 -5.13
CA ARG A 92 -11.42 17.29 -5.61
C ARG A 92 -12.02 18.01 -6.83
N LEU A 93 -12.07 19.34 -6.81
CA LEU A 93 -12.65 20.10 -7.94
C LEU A 93 -11.76 19.95 -9.18
N ARG A 94 -10.44 20.01 -8.97
CA ARG A 94 -9.43 19.86 -10.02
C ARG A 94 -9.55 18.48 -10.67
N TYR A 95 -9.80 17.47 -9.84
CA TYR A 95 -9.99 16.11 -10.28
C TYR A 95 -11.06 16.06 -11.39
N PHE A 96 -12.25 16.61 -11.10
CA PHE A 96 -13.40 16.57 -12.03
C PHE A 96 -13.25 17.60 -13.16
N ARG A 97 -12.67 18.76 -12.85
CA ARG A 97 -12.50 19.86 -13.81
C ARG A 97 -11.61 19.40 -14.99
N ASN A 98 -10.51 18.69 -14.69
CA ASN A 98 -9.48 18.31 -15.70
C ASN A 98 -9.53 16.82 -16.08
N GLY A 99 -10.27 16.01 -15.31
CA GLY A 99 -10.27 14.57 -15.52
C GLY A 99 -9.14 13.90 -14.76
N MET A 100 -9.37 12.62 -14.42
CA MET A 100 -8.54 11.93 -13.45
C MET A 100 -7.27 11.41 -14.12
N LYS A 101 -7.25 11.33 -15.46
CA LYS A 101 -6.01 11.04 -16.19
C LYS A 101 -5.01 12.20 -15.96
N HIS A 102 -5.44 13.43 -16.25
CA HIS A 102 -4.61 14.61 -16.08
C HIS A 102 -4.26 14.80 -14.58
N PHE A 103 -5.20 14.50 -13.68
CA PHE A 103 -4.99 14.68 -12.22
C PHE A 103 -3.81 13.83 -11.75
N PHE A 104 -3.77 12.58 -12.19
CA PHE A 104 -2.76 11.59 -11.76
C PHE A 104 -1.55 11.58 -12.69
N ARG A 105 -1.69 12.22 -13.85
CA ARG A 105 -0.68 12.25 -14.92
C ARG A 105 -0.38 10.80 -15.35
N LEU A 106 -1.46 10.05 -15.56
CA LEU A 106 -1.34 8.66 -15.94
C LEU A 106 -0.91 8.57 -17.40
N PRO A 107 0.05 7.68 -17.71
CA PRO A 107 0.44 7.41 -19.09
C PRO A 107 -0.65 6.53 -19.71
N ASP A 108 -0.67 6.47 -21.05
CA ASP A 108 -1.77 5.87 -21.75
C ASP A 108 -1.70 4.35 -21.68
N ASN A 109 -0.52 3.79 -21.37
CA ASN A 109 -0.35 2.32 -21.31
C ASN A 109 -0.87 1.76 -19.97
N MET A 110 -1.32 2.64 -19.06
CA MET A 110 -1.84 2.22 -17.77
C MET A 110 -3.36 2.30 -17.76
N GLN A 111 -3.95 1.64 -16.75
CA GLN A 111 -5.38 1.43 -16.63
C GLN A 111 -5.84 1.85 -15.23
N THR A 112 -7.16 2.00 -15.07
CA THR A 112 -7.71 2.49 -13.82
C THR A 112 -8.95 1.68 -13.42
N MET A 113 -9.08 1.49 -12.11
CA MET A 113 -10.16 0.73 -11.49
C MET A 113 -10.76 1.62 -10.39
N GLY A 114 -12.09 1.71 -10.37
CA GLY A 114 -12.82 2.48 -9.37
C GLY A 114 -13.34 1.60 -8.26
N ASP A 115 -13.32 2.14 -7.04
CA ASP A 115 -13.68 1.46 -5.81
C ASP A 115 -14.47 2.47 -4.97
N CYS A 116 -15.16 2.03 -3.93
CA CYS A 116 -16.03 2.89 -3.13
C CYS A 116 -15.38 3.33 -1.82
N GLY A 117 -14.38 2.56 -1.37
CA GLY A 117 -13.66 2.83 -0.13
C GLY A 117 -14.42 2.28 1.06
N ALA A 118 -14.84 1.02 0.92
CA ALA A 118 -15.70 0.39 1.88
C ALA A 118 -15.09 0.48 3.28
N PHE A 119 -13.76 0.36 3.37
CA PHE A 119 -13.04 0.39 4.66
C PHE A 119 -13.42 1.66 5.44
N THR A 120 -13.76 2.74 4.72
CA THR A 120 -14.07 4.03 5.35
C THR A 120 -15.40 3.99 6.10
N TYR A 121 -16.34 3.12 5.71
CA TYR A 121 -17.68 3.12 6.32
C TYR A 121 -18.02 1.72 6.87
N VAL A 122 -16.99 1.00 7.32
CA VAL A 122 -17.13 -0.37 7.77
C VAL A 122 -18.05 -0.43 9.01
N ASN A 123 -18.01 0.59 9.87
CA ASN A 123 -18.72 0.54 11.16
C ASN A 123 -20.12 1.16 11.06
N GLN A 124 -20.52 1.60 9.85
CA GLN A 124 -21.86 2.15 9.66
C GLN A 124 -22.85 1.00 9.46
N ASP A 125 -24.14 1.32 9.59
CA ASP A 125 -25.22 0.35 9.44
C ASP A 125 -25.22 -0.14 7.99
N VAL A 126 -25.50 0.76 7.03
CA VAL A 126 -25.46 0.45 5.59
C VAL A 126 -24.44 1.38 4.93
N PRO A 127 -24.01 1.08 3.67
CA PRO A 127 -23.17 1.99 2.90
C PRO A 127 -23.88 3.32 2.67
N PRO A 128 -23.15 4.45 2.79
CA PRO A 128 -23.77 5.77 2.70
C PRO A 128 -24.06 6.28 1.28
N TYR A 129 -23.58 5.57 0.24
CA TYR A 129 -23.76 6.02 -1.14
C TYR A 129 -24.90 5.22 -1.78
N ARG A 130 -25.64 5.87 -2.68
CA ARG A 130 -26.57 5.21 -3.57
C ARG A 130 -25.77 4.72 -4.79
N VAL A 131 -26.25 3.62 -5.38
CA VAL A 131 -25.58 2.95 -6.50
C VAL A 131 -25.45 3.93 -7.69
N GLU A 132 -26.46 4.79 -7.87
CA GLU A 132 -26.51 5.73 -9.00
C GLU A 132 -25.33 6.73 -8.91
N GLU A 133 -25.01 7.19 -7.69
CA GLU A 133 -23.88 8.11 -7.42
C GLU A 133 -22.56 7.48 -7.89
N VAL A 134 -22.35 6.24 -7.46
CA VAL A 134 -21.13 5.48 -7.66
C VAL A 134 -20.86 5.30 -9.16
N ILE A 135 -21.91 4.91 -9.90
CA ILE A 135 -21.82 4.76 -11.35
C ILE A 135 -21.52 6.14 -11.96
N GLU A 136 -22.15 7.20 -11.42
CA GLU A 136 -21.84 8.60 -11.80
C GLU A 136 -20.33 8.84 -11.74
N PHE A 137 -19.74 8.49 -10.59
CA PHE A 137 -18.35 8.72 -10.32
C PHE A 137 -17.48 7.95 -11.34
N TYR A 138 -17.80 6.67 -11.57
CA TYR A 138 -16.97 5.81 -12.42
C TYR A 138 -17.07 6.25 -13.88
N GLU A 139 -18.23 6.79 -14.27
CA GLU A 139 -18.48 7.21 -15.64
C GLU A 139 -17.70 8.50 -15.93
N THR A 140 -17.71 9.42 -14.97
CA THR A 140 -17.08 10.74 -15.13
C THR A 140 -15.56 10.64 -14.93
N SER A 141 -15.11 9.66 -14.15
CA SER A 141 -13.69 9.40 -13.97
C SER A 141 -13.10 8.66 -15.17
N ARG A 142 -13.97 7.99 -15.95
CA ARG A 142 -13.60 7.25 -17.18
C ARG A 142 -12.71 6.05 -16.84
N PHE A 143 -12.97 5.42 -15.69
CA PHE A 143 -12.23 4.23 -15.26
C PHE A 143 -12.47 3.08 -16.24
N ASN A 144 -11.47 2.19 -16.33
CA ASN A 144 -11.57 0.96 -17.11
C ASN A 144 -12.46 -0.05 -16.39
N TYR A 145 -12.34 -0.11 -15.06
CA TYR A 145 -13.05 -1.08 -14.24
C TYR A 145 -13.69 -0.36 -13.06
N GLY A 146 -14.92 -0.76 -12.71
CA GLY A 146 -15.64 -0.25 -11.56
C GLY A 146 -16.09 -1.38 -10.65
N VAL A 147 -15.89 -1.20 -9.33
CA VAL A 147 -16.15 -2.22 -8.33
C VAL A 147 -17.45 -1.87 -7.61
N SER A 148 -18.38 -2.84 -7.57
CA SER A 148 -19.73 -2.68 -7.00
C SER A 148 -19.66 -2.22 -5.55
N LEU A 149 -20.75 -1.59 -5.11
CA LEU A 149 -20.81 -0.92 -3.83
C LEU A 149 -21.05 -1.95 -2.72
N ASP A 150 -19.98 -2.27 -1.98
CA ASP A 150 -19.91 -3.37 -1.03
C ASP A 150 -20.08 -2.86 0.40
N HIS A 151 -20.38 -3.76 1.34
CA HIS A 151 -20.25 -3.51 2.77
C HIS A 151 -19.47 -4.68 3.39
N ILE A 152 -18.34 -4.35 4.04
CA ILE A 152 -17.30 -5.34 4.39
C ILE A 152 -17.81 -6.27 5.50
N ILE A 153 -17.39 -7.54 5.40
CA ILE A 153 -17.54 -8.54 6.46
C ILE A 153 -16.14 -8.84 7.02
N PHE A 154 -15.77 -8.04 8.02
CA PHE A 154 -14.60 -8.30 8.83
C PHE A 154 -14.92 -9.47 9.75
N GLY A 155 -13.90 -10.31 9.98
CA GLY A 155 -14.05 -11.54 10.72
C GLY A 155 -14.11 -12.73 9.78
N TYR A 156 -13.44 -13.80 10.19
CA TYR A 156 -13.29 -15.05 9.49
C TYR A 156 -13.07 -16.12 10.56
N GLU A 157 -13.74 -17.28 10.42
CA GLU A 157 -13.78 -18.30 11.46
C GLU A 157 -12.40 -18.94 11.65
N LYS A 158 -11.86 -18.82 12.87
CA LYS A 158 -10.68 -19.56 13.28
C LYS A 158 -10.93 -21.05 13.05
N PRO A 159 -9.85 -21.86 13.01
CA PRO A 159 -9.94 -23.33 13.03
C PRO A 159 -10.87 -23.99 14.07
N GLY A 160 -11.96 -24.59 13.59
CA GLY A 160 -12.98 -25.22 14.43
C GLY A 160 -13.65 -24.19 15.33
N GLU A 161 -13.90 -23.01 14.76
CA GLU A 161 -14.78 -22.00 15.34
C GLU A 161 -16.04 -21.92 14.47
N SER A 162 -17.18 -21.65 15.10
CA SER A 162 -18.46 -21.60 14.42
C SER A 162 -19.23 -20.39 14.94
N PHE A 163 -19.44 -19.42 14.06
CA PHE A 163 -20.18 -18.22 14.40
C PHE A 163 -21.66 -18.56 14.58
N SER A 164 -22.28 -17.93 15.59
CA SER A 164 -23.69 -18.09 15.85
C SER A 164 -24.26 -16.77 16.36
N GLY A 165 -25.57 -16.77 16.60
CA GLY A 165 -26.28 -15.67 17.26
C GLY A 165 -26.16 -14.38 16.48
N GLU A 166 -25.86 -13.29 17.21
CA GLU A 166 -25.93 -11.94 16.66
C GLU A 166 -24.78 -11.73 15.67
N VAL A 167 -23.70 -12.51 15.84
CA VAL A 167 -22.50 -12.41 15.00
C VAL A 167 -22.82 -12.92 13.59
N LEU A 168 -23.40 -14.13 13.52
CA LEU A 168 -23.79 -14.77 12.24
C LEU A 168 -24.87 -13.95 11.54
N ALA A 169 -25.87 -13.47 12.30
CA ALA A 169 -26.97 -12.67 11.71
C ALA A 169 -26.40 -11.42 11.03
N GLU A 170 -25.35 -10.83 11.64
CA GLU A 170 -24.70 -9.63 11.13
C GLU A 170 -23.93 -9.95 9.84
N CYS A 171 -23.11 -11.02 9.88
CA CYS A 171 -22.39 -11.48 8.71
C CYS A 171 -23.34 -11.71 7.53
N ARG A 172 -24.44 -12.44 7.78
CA ARG A 172 -25.40 -12.79 6.74
C ARG A 172 -26.10 -11.52 6.23
N ARG A 173 -26.33 -10.57 7.14
CA ARG A 173 -26.98 -9.29 6.81
C ARG A 173 -26.14 -8.49 5.80
N ARG A 174 -24.81 -8.46 6.02
CA ARG A 174 -23.89 -7.70 5.18
C ARG A 174 -23.62 -8.44 3.87
N GLN A 175 -23.67 -9.78 3.91
CA GLN A 175 -23.61 -10.57 2.68
C GLN A 175 -24.83 -10.24 1.81
N ASP A 176 -26.00 -10.13 2.43
CA ASP A 176 -27.24 -9.87 1.70
C ASP A 176 -27.21 -8.43 1.14
N ILE A 177 -26.65 -7.48 1.90
CA ILE A 177 -26.60 -6.08 1.48
C ILE A 177 -25.65 -5.93 0.28
N THR A 178 -24.53 -6.66 0.28
CA THR A 178 -23.53 -6.58 -0.78
C THR A 178 -24.10 -7.15 -2.08
N LEU A 179 -24.77 -8.31 -1.98
CA LEU A 179 -25.29 -9.04 -3.14
C LEU A 179 -26.53 -8.31 -3.69
N THR A 180 -27.40 -7.83 -2.80
CA THR A 180 -28.48 -6.93 -3.20
C THR A 180 -27.89 -5.83 -4.10
N LEU A 181 -26.87 -5.14 -3.58
CA LEU A 181 -26.30 -3.97 -4.23
C LEU A 181 -25.44 -4.37 -5.43
N ALA A 182 -24.79 -5.54 -5.36
CA ALA A 182 -23.98 -6.02 -6.49
C ALA A 182 -24.87 -6.23 -7.72
N GLN A 183 -26.12 -6.65 -7.49
CA GLN A 183 -27.05 -6.96 -8.58
C GLN A 183 -27.67 -5.67 -9.14
N ASP A 184 -28.06 -4.74 -8.24
CA ASP A 184 -28.49 -3.40 -8.64
C ASP A 184 -27.42 -2.77 -9.54
N PHE A 185 -26.15 -2.88 -9.13
CA PHE A 185 -25.00 -2.24 -9.79
C PHE A 185 -24.78 -2.83 -11.20
N LEU A 186 -24.94 -4.14 -11.36
CA LEU A 186 -24.70 -4.77 -12.67
C LEU A 186 -25.74 -4.29 -13.68
N VAL A 187 -26.97 -4.15 -13.20
CA VAL A 187 -28.12 -3.76 -14.00
C VAL A 187 -28.03 -2.27 -14.35
N LYS A 188 -27.86 -1.42 -13.32
CA LYS A 188 -27.85 0.04 -13.49
C LYS A 188 -26.59 0.51 -14.24
N SER A 189 -25.59 -0.37 -14.43
CA SER A 189 -24.34 0.00 -15.11
C SER A 189 -24.25 -0.63 -16.51
N GLN A 190 -25.39 -0.94 -17.12
CA GLN A 190 -25.48 -1.77 -18.34
C GLN A 190 -24.97 -1.02 -19.58
N LYS A 191 -25.02 0.32 -19.55
CA LYS A 191 -24.65 1.15 -20.71
C LYS A 191 -23.49 2.08 -20.35
N SER A 192 -22.62 1.60 -19.47
CA SER A 192 -21.46 2.34 -19.04
C SER A 192 -20.23 1.75 -19.72
N CYS A 193 -19.15 2.53 -19.80
CA CYS A 193 -17.99 2.18 -20.60
C CYS A 193 -16.99 1.35 -19.79
N PHE A 194 -17.19 1.25 -18.47
CA PHE A 194 -16.31 0.44 -17.63
C PHE A 194 -16.84 -1.00 -17.57
N THR A 195 -15.94 -1.92 -17.28
CA THR A 195 -16.26 -3.30 -17.00
C THR A 195 -16.59 -3.38 -15.51
N PRO A 196 -17.77 -3.92 -15.13
CA PRO A 196 -18.15 -4.02 -13.72
C PRO A 196 -17.61 -5.28 -13.01
N PHE A 197 -17.19 -5.10 -11.75
CA PHE A 197 -16.60 -6.14 -10.91
C PHE A 197 -17.48 -6.31 -9.68
N GLY A 198 -17.95 -7.54 -9.43
CA GLY A 198 -18.78 -7.86 -8.26
C GLY A 198 -17.91 -8.17 -7.05
N VAL A 199 -18.32 -7.70 -5.87
CA VAL A 199 -17.57 -7.91 -4.63
C VAL A 199 -18.12 -9.14 -3.88
N ALA A 200 -17.21 -10.01 -3.48
CA ALA A 200 -17.51 -11.20 -2.71
C ALA A 200 -16.95 -11.05 -1.30
N HIS A 201 -17.84 -11.08 -0.30
CA HIS A 201 -17.43 -11.14 1.09
C HIS A 201 -17.80 -12.51 1.67
N GLY A 202 -17.21 -12.82 2.83
CA GLY A 202 -17.48 -14.03 3.53
C GLY A 202 -16.82 -14.06 4.91
N TRP A 203 -17.25 -15.04 5.71
CA TRP A 203 -16.72 -15.27 7.06
C TRP A 203 -16.10 -16.67 7.17
N ASN A 204 -16.08 -17.40 6.05
CA ASN A 204 -15.46 -18.73 5.96
C ASN A 204 -15.40 -19.09 4.47
N LYS A 205 -14.75 -20.21 4.16
CA LYS A 205 -14.56 -20.62 2.77
C LYS A 205 -15.91 -20.73 2.05
N LYS A 206 -16.92 -21.26 2.75
CA LYS A 206 -18.21 -21.65 2.17
C LYS A 206 -19.07 -20.41 1.87
N SER A 207 -19.07 -19.45 2.80
CA SER A 207 -19.77 -18.15 2.62
C SER A 207 -19.20 -17.39 1.42
N TYR A 208 -17.87 -17.45 1.25
CA TYR A 208 -17.19 -16.79 0.10
C TYR A 208 -17.66 -17.46 -1.20
N ARG A 209 -17.65 -18.80 -1.24
CA ARG A 209 -18.11 -19.58 -2.40
C ARG A 209 -19.55 -19.18 -2.74
N GLN A 210 -20.40 -19.08 -1.72
CA GLN A 210 -21.81 -18.67 -1.85
C GLN A 210 -21.86 -17.37 -2.65
N SER A 211 -21.14 -16.36 -2.14
CA SER A 211 -21.10 -15.02 -2.73
C SER A 211 -20.67 -15.08 -4.20
N VAL A 212 -19.68 -15.91 -4.50
CA VAL A 212 -19.16 -15.97 -5.85
C VAL A 212 -20.17 -16.61 -6.79
N GLU A 213 -20.79 -17.73 -6.37
CA GLU A 213 -21.83 -18.39 -7.15
C GLU A 213 -22.92 -17.38 -7.55
N ALA A 214 -23.40 -16.64 -6.54
CA ALA A 214 -24.44 -15.62 -6.69
C ALA A 214 -24.07 -14.60 -7.78
N LEU A 215 -22.86 -14.02 -7.69
CA LEU A 215 -22.37 -12.98 -8.61
C LEU A 215 -22.26 -13.51 -10.05
N LEU A 216 -21.73 -14.72 -10.21
CA LEU A 216 -21.59 -15.34 -11.53
C LEU A 216 -22.98 -15.61 -12.11
N ALA A 217 -23.90 -16.01 -11.23
CA ALA A 217 -25.29 -16.28 -11.59
C ALA A 217 -25.95 -15.03 -12.18
N MET A 218 -25.65 -13.85 -11.62
CA MET A 218 -26.21 -12.57 -12.08
C MET A 218 -25.64 -12.18 -13.45
N GLY A 219 -24.44 -12.67 -13.77
CA GLY A 219 -23.83 -12.43 -15.07
C GLY A 219 -22.50 -11.71 -15.00
N TYR A 220 -21.98 -11.49 -13.79
CA TYR A 220 -20.62 -10.97 -13.58
C TYR A 220 -19.60 -11.92 -14.23
N LYS A 221 -18.65 -11.36 -14.99
CA LYS A 221 -17.47 -12.10 -15.47
C LYS A 221 -16.25 -11.77 -14.61
N ASN A 222 -16.42 -10.83 -13.67
CA ASN A 222 -15.32 -10.15 -13.04
C ASN A 222 -15.64 -10.05 -11.53
N ILE A 223 -14.75 -10.59 -10.69
CA ILE A 223 -14.99 -10.75 -9.24
C ILE A 223 -13.87 -10.06 -8.45
N THR A 224 -14.27 -9.44 -7.35
CA THR A 224 -13.36 -8.91 -6.35
C THR A 224 -13.56 -9.73 -5.06
N MET A 225 -12.54 -10.46 -4.65
CA MET A 225 -12.53 -11.06 -3.33
C MET A 225 -12.22 -9.95 -2.32
N GLY A 226 -13.20 -9.67 -1.46
CA GLY A 226 -13.13 -8.60 -0.51
C GLY A 226 -12.82 -9.13 0.88
N GLY A 227 -12.25 -8.25 1.71
CA GLY A 227 -12.11 -8.46 3.15
C GLY A 227 -11.03 -9.46 3.52
N MET A 228 -10.00 -9.58 2.66
CA MET A 228 -8.99 -10.65 2.78
C MET A 228 -7.69 -10.15 3.41
N VAL A 229 -7.53 -8.83 3.53
CA VAL A 229 -6.30 -8.22 4.02
C VAL A 229 -5.94 -8.78 5.40
N PRO A 230 -6.87 -8.88 6.37
CA PRO A 230 -6.50 -9.33 7.70
C PRO A 230 -6.19 -10.83 7.85
N LEU A 231 -6.41 -11.62 6.78
CA LEU A 231 -6.27 -13.10 6.84
C LEU A 231 -4.81 -13.52 6.60
N LYS A 232 -4.46 -14.69 7.15
CA LYS A 232 -3.21 -15.39 6.85
C LYS A 232 -3.36 -16.01 5.45
N THR A 233 -2.23 -16.39 4.83
CA THR A 233 -2.23 -16.77 3.42
C THR A 233 -2.97 -18.11 3.22
N ALA A 234 -2.76 -19.03 4.16
CA ALA A 234 -3.40 -20.34 4.16
C ALA A 234 -4.92 -20.21 4.06
N GLN A 235 -5.48 -19.22 4.78
CA GLN A 235 -6.92 -18.97 4.80
C GLN A 235 -7.38 -18.45 3.44
N ILE A 236 -6.51 -17.68 2.77
CA ILE A 236 -6.82 -17.12 1.45
C ILE A 236 -6.77 -18.25 0.41
N LEU A 237 -5.70 -19.05 0.47
CA LEU A 237 -5.49 -20.10 -0.51
C LEU A 237 -6.56 -21.20 -0.38
N GLU A 238 -7.07 -21.45 0.84
CA GLU A 238 -8.11 -22.49 1.00
C GLU A 238 -9.44 -21.97 0.40
N THR A 239 -9.69 -20.67 0.54
CA THR A 239 -10.90 -20.05 0.01
C THR A 239 -10.87 -20.08 -1.53
N LEU A 240 -9.70 -19.88 -2.14
CA LEU A 240 -9.56 -19.82 -3.58
C LEU A 240 -9.67 -21.22 -4.19
N GLU A 241 -9.12 -22.22 -3.49
CA GLU A 241 -9.16 -23.62 -3.97
C GLU A 241 -10.64 -24.08 -3.96
N GLU A 242 -11.43 -23.46 -3.07
CA GLU A 242 -12.87 -23.73 -2.93
C GLU A 242 -13.69 -23.02 -4.04
N ILE A 243 -13.17 -21.92 -4.58
CA ILE A 243 -13.87 -21.09 -5.57
C ILE A 243 -13.50 -21.52 -6.99
N LYS A 244 -12.34 -22.16 -7.16
CA LYS A 244 -11.73 -22.46 -8.46
C LYS A 244 -12.70 -23.25 -9.35
N PRO A 245 -13.43 -24.26 -8.83
CA PRO A 245 -14.40 -25.02 -9.64
C PRO A 245 -15.46 -24.19 -10.41
N LEU A 246 -15.86 -23.06 -9.82
CA LEU A 246 -16.91 -22.19 -10.38
C LEU A 246 -16.37 -21.33 -11.52
N LEU A 247 -15.06 -21.06 -11.51
CA LEU A 247 -14.43 -20.12 -12.43
C LEU A 247 -14.51 -20.68 -13.86
N LYS A 248 -14.47 -19.77 -14.84
CA LYS A 248 -14.52 -20.12 -16.25
C LYS A 248 -13.29 -19.56 -16.95
N SER A 249 -13.12 -19.98 -18.20
CA SER A 249 -12.11 -19.48 -19.11
C SER A 249 -11.96 -17.96 -18.98
N ASP A 250 -13.10 -17.25 -19.03
CA ASP A 250 -13.16 -15.80 -19.22
C ASP A 250 -13.19 -15.02 -17.89
N THR A 251 -13.26 -15.72 -16.74
CA THR A 251 -13.53 -15.06 -15.46
C THR A 251 -12.25 -14.39 -14.94
N GLN A 252 -12.37 -13.09 -14.61
CA GLN A 252 -11.32 -12.29 -13.96
C GLN A 252 -11.56 -12.28 -12.45
N VAL A 253 -10.49 -12.43 -11.67
CA VAL A 253 -10.58 -12.39 -10.22
C VAL A 253 -9.52 -11.43 -9.67
N HIS A 254 -9.96 -10.64 -8.68
CA HIS A 254 -9.20 -9.55 -8.13
C HIS A 254 -9.21 -9.63 -6.59
N LEU A 255 -8.02 -9.56 -5.98
CA LEU A 255 -7.87 -9.64 -4.54
C LEU A 255 -7.64 -8.25 -3.95
N LEU A 256 -8.70 -7.61 -3.44
CA LEU A 256 -8.59 -6.26 -2.92
C LEU A 256 -7.66 -6.24 -1.70
N GLY A 257 -6.53 -5.54 -1.83
CA GLY A 257 -5.64 -5.15 -0.72
C GLY A 257 -4.42 -6.05 -0.58
N ILE A 258 -4.40 -7.16 -1.33
CA ILE A 258 -3.43 -8.22 -1.19
C ILE A 258 -2.28 -8.02 -2.17
N ALA A 259 -1.07 -8.22 -1.67
CA ALA A 259 0.11 -8.43 -2.49
C ALA A 259 1.16 -9.15 -1.66
N ARG A 260 1.19 -10.48 -1.77
CA ARG A 260 2.11 -11.27 -1.00
C ARG A 260 2.95 -12.06 -1.99
N PRO A 261 4.13 -11.54 -2.35
CA PRO A 261 4.81 -11.97 -3.57
C PRO A 261 5.32 -13.42 -3.61
N GLU A 262 5.51 -14.05 -2.44
CA GLU A 262 5.91 -15.47 -2.37
C GLU A 262 4.72 -16.38 -2.76
N SER A 263 3.51 -15.80 -2.77
CA SER A 263 2.28 -16.51 -3.05
C SER A 263 1.74 -16.22 -4.46
N PHE A 264 2.47 -15.46 -5.28
CA PHE A 264 2.00 -15.07 -6.62
C PHE A 264 1.70 -16.32 -7.47
N ALA A 265 2.66 -17.27 -7.49
CA ALA A 265 2.56 -18.47 -8.32
C ALA A 265 1.29 -19.24 -7.97
N ASP A 266 0.95 -19.22 -6.68
CA ASP A 266 -0.20 -19.93 -6.08
C ASP A 266 -1.52 -19.26 -6.50
N PHE A 267 -1.53 -17.92 -6.50
CA PHE A 267 -2.73 -17.17 -6.89
C PHE A 267 -3.02 -17.40 -8.38
N ILE A 268 -1.96 -17.44 -9.19
CA ILE A 268 -2.10 -17.66 -10.64
C ILE A 268 -2.68 -19.06 -10.89
N ARG A 269 -2.17 -20.05 -10.16
CA ARG A 269 -2.69 -21.41 -10.22
C ARG A 269 -4.21 -21.40 -9.98
N LEU A 270 -4.64 -20.62 -8.98
CA LEU A 270 -6.01 -20.66 -8.45
C LEU A 270 -6.94 -19.64 -9.13
N GLY A 271 -6.46 -18.94 -10.16
CA GLY A 271 -7.35 -18.21 -11.12
C GLY A 271 -7.45 -16.70 -10.85
N VAL A 272 -6.53 -16.16 -10.03
CA VAL A 272 -6.44 -14.74 -9.76
C VAL A 272 -5.72 -14.06 -10.94
N THR A 273 -6.27 -12.92 -11.38
CA THR A 273 -5.78 -12.22 -12.57
C THR A 273 -5.33 -10.79 -12.25
N SER A 274 -5.41 -10.39 -10.97
CA SER A 274 -5.36 -9.01 -10.55
C SER A 274 -5.23 -8.89 -9.02
N ILE A 275 -4.31 -8.03 -8.58
CA ILE A 275 -4.09 -7.72 -7.15
C ILE A 275 -3.85 -6.22 -7.00
N ASP A 276 -3.98 -5.72 -5.77
CA ASP A 276 -3.75 -4.32 -5.46
C ASP A 276 -3.36 -4.20 -3.98
N SER A 277 -2.39 -3.33 -3.70
CA SER A 277 -1.91 -3.18 -2.34
C SER A 277 -0.99 -1.97 -2.23
N THR A 278 -1.03 -1.29 -1.07
CA THR A 278 -0.04 -0.28 -0.68
C THR A 278 0.93 -0.81 0.37
N THR A 279 0.81 -2.10 0.75
CA THR A 279 1.47 -2.59 1.98
C THR A 279 2.99 -2.59 1.85
N PRO A 280 3.59 -2.81 0.65
CA PRO A 280 5.04 -2.64 0.51
C PRO A 280 5.48 -1.23 0.92
N LEU A 281 4.65 -0.25 0.59
CA LEU A 281 4.89 1.15 0.90
C LEU A 281 4.64 1.40 2.39
N GLN A 282 3.50 0.93 2.91
CA GLN A 282 3.20 0.99 4.35
C GLN A 282 4.36 0.37 5.14
N GLN A 283 4.94 -0.71 4.62
CA GLN A 283 5.97 -1.52 5.32
C GLN A 283 7.27 -0.73 5.49
N ALA A 284 7.55 0.19 4.58
CA ALA A 284 8.74 0.99 4.62
C ALA A 284 8.85 1.76 5.94
N PHE A 285 7.72 2.21 6.51
CA PHE A 285 7.78 3.01 7.75
C PHE A 285 6.94 2.42 8.89
N LYS A 286 6.16 1.38 8.65
CA LYS A 286 5.28 0.90 9.72
C LYS A 286 5.93 -0.25 10.47
N ASP A 287 6.81 -1.02 9.81
CA ASP A 287 7.47 -2.18 10.42
C ASP A 287 8.72 -1.73 11.19
N ARG A 288 9.13 -2.55 12.17
CA ARG A 288 10.30 -2.29 13.02
C ARG A 288 11.58 -2.76 12.31
N LYS A 289 11.50 -3.96 11.71
CA LYS A 289 12.57 -4.57 10.92
C LYS A 289 12.08 -4.69 9.47
N ASN A 290 13.01 -4.92 8.54
CA ASN A 290 12.67 -5.23 7.13
C ASN A 290 11.81 -4.11 6.52
N ASN A 291 12.42 -2.91 6.46
CA ASN A 291 11.80 -1.74 5.87
C ASN A 291 12.17 -1.67 4.37
N TYR A 292 13.36 -2.17 4.01
CA TYR A 292 13.93 -2.06 2.68
C TYR A 292 13.96 -3.44 2.00
N HIS A 293 13.01 -3.69 1.09
CA HIS A 293 12.86 -5.01 0.46
C HIS A 293 13.90 -5.21 -0.64
N THR A 294 14.16 -6.48 -0.97
CA THR A 294 15.02 -6.88 -2.08
C THR A 294 14.32 -7.94 -2.91
N PRO A 295 14.75 -8.16 -4.17
CA PRO A 295 14.14 -9.19 -5.02
C PRO A 295 14.53 -10.60 -4.58
N GLU A 296 15.72 -10.75 -3.96
CA GLU A 296 16.10 -12.00 -3.26
C GLU A 296 14.96 -12.37 -2.31
N GLY A 297 14.36 -11.34 -1.72
CA GLY A 297 13.28 -11.46 -0.78
C GLY A 297 13.78 -11.28 0.65
N ARG A 298 15.09 -11.43 0.85
CA ARG A 298 15.77 -11.04 2.09
C ARG A 298 15.72 -9.51 2.18
N ALA A 299 15.51 -8.97 3.38
CA ALA A 299 15.24 -7.54 3.56
C ALA A 299 16.15 -6.95 4.63
N TYR A 300 16.16 -5.61 4.72
CA TYR A 300 17.05 -4.86 5.59
C TYR A 300 16.25 -3.89 6.46
N THR A 301 16.74 -3.70 7.69
CA THR A 301 16.20 -2.75 8.62
C THR A 301 16.73 -1.36 8.21
N ALA A 302 15.84 -0.36 8.24
CA ALA A 302 16.22 1.03 8.08
C ALA A 302 16.76 1.55 9.42
N VAL A 303 17.71 2.48 9.30
CA VAL A 303 18.42 3.01 10.43
C VAL A 303 17.63 4.20 10.98
N ARG A 304 17.26 4.13 12.27
CA ARG A 304 16.47 5.19 12.91
C ARG A 304 17.40 6.38 13.16
N VAL A 305 17.06 7.54 12.57
CA VAL A 305 17.67 8.84 12.91
C VAL A 305 16.55 9.88 12.90
N PRO A 306 15.81 10.06 14.02
CA PRO A 306 14.67 10.99 14.03
C PRO A 306 15.03 12.49 14.15
N GLN A 307 14.15 13.33 13.58
CA GLN A 307 14.12 14.77 13.80
C GLN A 307 14.01 15.02 15.31
N PHE A 308 14.99 15.71 15.90
CA PHE A 308 15.08 15.84 17.36
C PHE A 308 13.80 16.51 17.90
N ASP A 309 13.16 17.36 17.10
CA ASP A 309 12.01 18.17 17.56
C ASP A 309 10.69 17.70 16.88
N ALA A 310 10.67 16.45 16.41
CA ALA A 310 9.42 15.75 16.07
C ALA A 310 9.29 14.47 16.92
N ASN A 311 10.42 13.96 17.42
CA ASN A 311 10.44 12.76 18.24
C ASN A 311 9.71 13.03 19.55
N PRO A 312 8.65 12.26 19.90
CA PRO A 312 8.07 12.30 21.24
C PRO A 312 9.12 12.03 22.34
N SER A 313 9.88 10.95 22.15
CA SER A 313 10.85 10.46 23.12
C SER A 313 11.85 11.56 23.52
N LEU A 314 12.26 12.39 22.54
CA LEU A 314 13.29 13.42 22.77
C LEU A 314 12.62 14.71 23.27
N SER A 315 11.42 15.05 22.78
CA SER A 315 10.64 16.17 23.36
C SER A 315 10.68 16.07 24.88
N ARG A 316 10.35 14.87 25.40
CA ARG A 316 10.21 14.60 26.82
C ARG A 316 11.57 14.71 27.54
N LYS A 317 12.63 14.13 26.96
CA LYS A 317 14.00 14.18 27.53
C LYS A 317 14.49 15.62 27.71
N ILE A 318 14.16 16.47 26.73
CA ILE A 318 14.46 17.89 26.77
C ILE A 318 13.67 18.51 27.93
N LYS A 319 12.35 18.28 27.91
CA LYS A 319 11.37 18.88 28.82
C LYS A 319 11.71 18.52 30.28
N SER A 320 12.26 17.31 30.46
CA SER A 320 12.54 16.71 31.77
C SER A 320 13.89 17.14 32.32
N GLY A 321 14.73 17.78 31.50
CA GLY A 321 16.07 18.22 31.90
C GLY A 321 17.16 17.16 31.72
N VAL A 322 16.86 16.08 30.99
CA VAL A 322 17.82 14.95 30.89
C VAL A 322 19.00 15.33 30.00
N ILE A 323 18.72 16.00 28.86
CA ILE A 323 19.79 16.59 28.01
C ILE A 323 19.47 18.05 27.75
N ASP A 324 20.55 18.82 27.54
CA ASP A 324 20.48 20.11 26.93
C ASP A 324 20.05 19.91 25.47
N GLN A 325 19.23 20.84 24.96
CA GLN A 325 18.68 20.76 23.62
C GLN A 325 19.82 20.75 22.58
N ASP A 326 20.83 21.60 22.79
CA ASP A 326 21.99 21.69 21.92
C ASP A 326 22.53 20.29 21.60
N VAL A 327 22.93 19.55 22.65
CA VAL A 327 23.68 18.29 22.54
C VAL A 327 22.85 17.24 21.78
N ALA A 328 21.53 17.28 21.97
CA ALA A 328 20.60 16.50 21.17
C ALA A 328 20.82 16.82 19.68
N ARG A 329 20.71 18.11 19.35
CA ARG A 329 20.79 18.61 17.97
C ARG A 329 22.12 18.18 17.33
N HIS A 330 23.20 18.17 18.13
CA HIS A 330 24.55 17.87 17.63
C HIS A 330 24.69 16.36 17.38
N LEU A 331 24.16 15.53 18.29
CA LEU A 331 24.21 14.08 18.14
C LEU A 331 23.41 13.66 16.89
N GLU A 332 22.27 14.32 16.66
CA GLU A 332 21.45 14.14 15.45
C GLU A 332 22.30 14.48 14.22
N LYS A 333 22.93 15.66 14.24
CA LYS A 333 23.76 16.13 13.13
C LYS A 333 24.87 15.13 12.82
N ASP A 334 25.56 14.68 13.88
CA ASP A 334 26.76 13.85 13.76
C ASP A 334 26.42 12.51 13.11
N ALA A 335 25.23 12.00 13.42
CA ALA A 335 24.73 10.75 12.88
C ALA A 335 24.38 10.91 11.40
N MET A 336 23.72 12.02 11.07
CA MET A 336 23.38 12.32 9.69
C MET A 336 24.66 12.56 8.88
N HIS A 337 25.60 13.27 9.48
CA HIS A 337 26.87 13.60 8.84
C HIS A 337 27.65 12.29 8.56
N ALA A 338 27.75 11.42 9.56
CA ALA A 338 28.51 10.16 9.47
C ALA A 338 27.97 9.29 8.32
N LEU A 339 26.65 9.07 8.33
CA LEU A 339 25.93 8.39 7.26
C LEU A 339 26.34 8.93 5.89
N PHE A 340 26.34 10.27 5.74
CA PHE A 340 26.67 10.87 4.44
C PHE A 340 28.15 10.62 4.12
N GLU A 341 29.02 10.74 5.12
CA GLU A 341 30.44 10.50 4.93
C GLU A 341 30.65 9.05 4.50
N TYR A 342 30.00 8.12 5.21
CA TYR A 342 30.13 6.69 4.93
C TYR A 342 29.77 6.40 3.47
N ASP A 343 28.75 7.10 2.94
CA ASP A 343 28.27 6.81 1.59
C ASP A 343 29.16 7.47 0.53
N ASN A 344 30.04 8.42 0.92
CA ASN A 344 31.07 8.94 0.01
C ASN A 344 32.39 8.19 0.24
N ASN A 345 32.32 7.01 0.88
CA ASN A 345 33.48 6.18 1.16
C ASN A 345 34.59 7.03 1.82
N ALA A 346 34.21 7.84 2.81
CA ALA A 346 35.15 8.73 3.50
C ALA A 346 35.07 8.55 5.02
N LEU A 347 34.52 7.42 5.48
CA LEU A 347 34.45 7.10 6.90
C LEU A 347 34.26 5.59 7.06
N SER A 348 34.98 5.01 8.02
CA SER A 348 34.87 3.60 8.30
C SER A 348 33.43 3.27 8.72
N LEU A 349 33.02 2.03 8.44
CA LEU A 349 31.80 1.43 8.95
C LEU A 349 31.81 1.49 10.48
N GLU A 350 32.98 1.20 11.05
CA GLU A 350 33.23 1.19 12.48
C GLU A 350 32.75 2.52 13.09
N LYS A 351 33.28 3.64 12.58
CA LYS A 351 33.05 4.97 13.18
C LYS A 351 31.65 5.50 12.84
N THR A 352 31.13 5.12 11.66
CA THR A 352 29.75 5.44 11.24
C THR A 352 28.76 4.89 12.26
N LEU A 353 28.92 3.61 12.61
CA LEU A 353 28.08 2.94 13.60
C LEU A 353 28.08 3.70 14.93
N GLU A 354 29.27 4.17 15.33
CA GLU A 354 29.43 4.78 16.61
C GLU A 354 28.60 6.07 16.67
N ALA A 355 28.60 6.84 15.58
CA ALA A 355 27.84 8.10 15.52
C ALA A 355 26.34 7.81 15.62
N VAL A 356 25.88 6.85 14.81
CA VAL A 356 24.48 6.49 14.71
C VAL A 356 24.00 5.93 16.06
N LEU A 357 24.82 5.10 16.70
CA LEU A 357 24.43 4.44 17.95
C LEU A 357 24.48 5.42 19.12
N ALA A 358 25.41 6.39 19.06
CA ALA A 358 25.43 7.49 20.03
C ALA A 358 24.05 8.14 20.12
N TYR A 359 23.40 8.30 18.97
CA TYR A 359 22.11 8.97 18.89
C TYR A 359 20.99 7.99 19.29
N GLU A 360 21.10 6.72 18.87
CA GLU A 360 20.15 5.66 19.27
C GLU A 360 20.14 5.52 20.80
N ARG A 361 21.34 5.48 21.40
CA ARG A 361 21.50 5.45 22.87
C ARG A 361 20.52 6.43 23.52
N LEU A 362 20.25 7.53 22.83
CA LEU A 362 19.55 8.66 23.39
C LEU A 362 18.04 8.64 23.11
N HIS A 363 17.62 8.33 21.89
CA HIS A 363 16.17 8.36 21.57
C HIS A 363 15.51 7.01 21.84
N SER A 364 16.28 6.04 22.36
CA SER A 364 15.72 4.70 22.65
C SER A 364 16.34 4.05 23.91
N GLY A 365 17.33 4.68 24.55
CA GLY A 365 18.03 4.08 25.71
C GLY A 365 19.18 3.17 25.29
N GLU A 366 20.05 2.83 26.26
CA GLU A 366 21.36 2.21 26.01
C GLU A 366 21.22 0.72 25.63
N LYS A 367 20.37 -0.03 26.34
CA LYS A 367 20.32 -1.50 26.11
C LYS A 367 19.72 -1.76 24.73
N GLU A 368 18.71 -0.95 24.37
CA GLU A 368 18.04 -1.00 23.06
C GLU A 368 19.04 -0.73 21.93
N ALA A 369 20.06 0.10 22.19
CA ALA A 369 21.10 0.39 21.20
C ALA A 369 21.89 -0.88 20.87
N GLU A 370 22.22 -1.68 21.89
CA GLU A 370 23.03 -2.89 21.71
C GLU A 370 22.21 -3.98 21.02
N LYS A 371 20.91 -4.01 21.28
CA LYS A 371 19.98 -4.92 20.59
C LYS A 371 20.10 -4.72 19.07
N ILE A 372 20.00 -3.46 18.61
CA ILE A 372 19.82 -3.15 17.18
C ILE A 372 21.17 -3.01 16.45
N ARG A 373 22.29 -3.13 17.19
CA ARG A 373 23.65 -2.99 16.64
C ARG A 373 23.86 -3.93 15.45
N ALA A 374 23.50 -5.21 15.62
CA ALA A 374 23.74 -6.26 14.62
C ALA A 374 23.00 -5.93 13.31
N ASP A 375 21.72 -5.56 13.44
CA ASP A 375 20.81 -5.20 12.33
C ASP A 375 21.38 -4.03 11.52
N TYR A 376 21.99 -3.08 12.24
CA TYR A 376 22.60 -1.89 11.64
C TYR A 376 23.91 -2.26 10.93
N GLU A 377 24.76 -3.07 11.58
CA GLU A 377 26.01 -3.58 10.97
C GLU A 377 25.69 -4.20 9.60
N ARG A 378 24.60 -4.98 9.54
CA ARG A 378 24.16 -5.67 8.33
C ARG A 378 23.76 -4.64 7.26
N THR A 379 22.87 -3.70 7.61
CA THR A 379 22.33 -2.73 6.64
C THR A 379 23.48 -1.89 6.06
N LEU A 380 24.31 -1.31 6.94
CA LEU A 380 25.36 -0.38 6.53
C LEU A 380 26.49 -1.14 5.82
N GLY A 381 26.86 -2.33 6.33
CA GLY A 381 27.95 -3.14 5.78
C GLY A 381 27.63 -3.64 4.37
N ASP A 382 26.40 -4.08 4.17
CA ASP A 382 26.04 -4.75 2.93
C ASP A 382 25.86 -3.72 1.82
N ARG A 383 25.70 -2.43 2.19
CA ARG A 383 25.49 -1.33 1.24
C ARG A 383 24.47 -1.75 0.18
N PRO A 384 23.27 -2.24 0.57
CA PRO A 384 22.32 -2.80 -0.38
C PRO A 384 21.68 -1.76 -1.33
N TRP A 385 21.73 -0.49 -0.94
CA TRP A 385 21.21 0.60 -1.76
C TRP A 385 22.10 0.79 -3.00
N ARG A 386 23.38 0.37 -2.93
CA ARG A 386 24.29 0.44 -4.07
C ARG A 386 23.92 -0.63 -5.10
N LYS A 387 23.45 -1.79 -4.62
CA LYS A 387 23.01 -2.92 -5.45
C LYS A 387 21.80 -2.53 -6.32
N CYS A 388 20.80 -1.88 -5.71
CA CYS A 388 19.51 -1.61 -6.37
C CYS A 388 19.71 -0.61 -7.52
N GLU A 389 19.05 -0.91 -8.64
CA GLU A 389 19.16 -0.16 -9.88
C GLU A 389 18.05 0.88 -10.00
N CYS A 390 17.08 0.89 -9.08
CA CYS A 390 15.88 1.76 -9.21
C CYS A 390 16.29 3.22 -9.04
N ASN A 391 15.41 4.13 -9.49
CA ASN A 391 15.74 5.55 -9.64
C ASN A 391 15.75 6.26 -8.28
N ILE A 392 15.11 5.70 -7.26
CA ILE A 392 15.19 6.34 -5.96
C ILE A 392 16.55 6.08 -5.35
N CYS A 393 16.95 4.80 -5.31
CA CYS A 393 18.21 4.40 -4.69
C CYS A 393 19.38 5.10 -5.39
N ARG A 394 19.35 5.15 -6.72
CA ARG A 394 20.44 5.70 -7.51
C ARG A 394 20.47 7.23 -7.43
N SER A 395 19.37 7.86 -6.97
CA SER A 395 19.31 9.31 -6.90
C SER A 395 19.59 9.82 -5.49
N ILE A 396 19.14 9.11 -4.44
CA ILE A 396 19.23 9.62 -3.04
C ILE A 396 20.18 8.78 -2.18
N GLY A 397 20.65 7.64 -2.68
CA GLY A 397 21.73 6.88 -2.04
C GLY A 397 21.36 6.29 -0.69
N ILE A 398 22.17 6.58 0.33
CA ILE A 398 22.02 6.00 1.65
C ILE A 398 20.72 6.51 2.29
N ASN A 399 20.21 7.65 1.80
CA ASN A 399 19.01 8.23 2.37
C ASN A 399 17.84 7.21 2.33
N VAL A 400 17.81 6.32 1.34
CA VAL A 400 16.69 5.38 1.21
C VAL A 400 16.60 4.45 2.43
N ILE A 401 17.73 4.17 3.09
CA ILE A 401 17.75 3.22 4.23
C ILE A 401 17.73 3.99 5.57
N ILE A 402 17.50 5.31 5.54
CA ILE A 402 17.35 6.07 6.78
C ILE A 402 15.86 6.24 7.07
N PHE A 403 15.48 5.88 8.31
CA PHE A 403 14.15 6.10 8.82
C PHE A 403 14.15 7.44 9.58
N ARG A 404 13.57 8.46 8.95
CA ARG A 404 13.54 9.80 9.46
C ARG A 404 12.15 10.36 9.19
N GLY A 405 12.06 11.42 8.38
CA GLY A 405 10.81 12.03 8.04
C GLY A 405 10.14 11.29 6.88
N ALA A 406 8.98 11.83 6.50
CA ALA A 406 8.13 11.27 5.47
C ALA A 406 8.83 11.28 4.10
N GLU A 407 9.80 12.16 3.90
CA GLU A 407 10.38 12.28 2.56
C GLU A 407 11.27 11.08 2.27
N ARG A 408 11.99 10.57 3.27
CA ARG A 408 12.84 9.40 3.07
C ARG A 408 11.98 8.13 3.15
N ASN A 409 11.10 8.10 4.14
CA ASN A 409 10.21 6.97 4.39
C ASN A 409 9.38 6.61 3.14
N ARG A 410 8.82 7.61 2.47
CA ARG A 410 7.93 7.35 1.34
C ARG A 410 8.74 6.99 0.10
N ARG A 411 9.99 7.48 0.01
CA ARG A 411 10.87 7.11 -1.11
C ARG A 411 11.28 5.63 -0.97
N ARG A 412 11.53 5.21 0.27
CA ARG A 412 11.80 3.81 0.56
C ARG A 412 10.56 2.99 0.19
N GLY A 413 9.37 3.52 0.52
CA GLY A 413 8.12 2.92 0.11
C GLY A 413 8.09 2.67 -1.38
N PHE A 414 8.41 3.71 -2.15
CA PHE A 414 8.46 3.68 -3.61
C PHE A 414 9.41 2.59 -4.10
N HIS A 415 10.56 2.44 -3.46
CA HIS A 415 11.52 1.40 -3.81
C HIS A 415 10.85 0.03 -3.64
N ASN A 416 10.16 -0.14 -2.51
CA ASN A 416 9.46 -1.39 -2.19
C ASN A 416 8.37 -1.68 -3.24
N ILE A 417 7.72 -0.63 -3.77
CA ILE A 417 6.68 -0.78 -4.80
C ILE A 417 7.32 -1.38 -6.06
N GLN A 418 8.48 -0.85 -6.45
CA GLN A 418 9.15 -1.24 -7.68
C GLN A 418 9.70 -2.67 -7.53
N VAL A 419 10.10 -3.02 -6.31
CA VAL A 419 10.66 -4.32 -6.00
C VAL A 419 9.57 -5.39 -6.16
N LEU A 420 8.39 -5.11 -5.62
CA LEU A 420 7.24 -6.01 -5.70
C LEU A 420 6.88 -6.25 -7.16
N TYR A 421 6.83 -5.18 -7.95
CA TYR A 421 6.41 -5.28 -9.33
C TYR A 421 7.44 -6.09 -10.14
N ASN A 422 8.72 -6.01 -9.75
CA ASN A 422 9.81 -6.76 -10.39
C ASN A 422 9.72 -8.26 -10.06
N ARG A 423 9.39 -8.56 -8.80
CA ARG A 423 9.08 -9.91 -8.38
C ARG A 423 7.91 -10.45 -9.23
N LEU A 424 6.84 -9.67 -9.38
CA LEU A 424 5.68 -10.10 -10.16
C LEU A 424 6.09 -10.40 -11.61
N GLN A 425 6.88 -9.51 -12.24
CA GLN A 425 7.26 -9.74 -13.66
C GLN A 425 8.12 -11.00 -13.79
N TYR A 426 8.95 -11.27 -12.77
CA TYR A 426 9.79 -12.47 -12.76
C TYR A 426 8.89 -13.72 -12.80
N THR A 427 7.89 -13.76 -11.92
CA THR A 427 6.95 -14.89 -11.85
C THR A 427 6.22 -15.05 -13.19
N LEU A 428 5.79 -13.94 -13.80
CA LEU A 428 5.05 -13.97 -15.07
C LEU A 428 5.94 -14.43 -16.22
N SER A 429 7.26 -14.44 -16.02
CA SER A 429 8.22 -14.79 -17.06
C SER A 429 8.36 -16.31 -17.20
N LEU A 430 7.82 -17.06 -16.22
CA LEU A 430 7.98 -18.52 -16.13
C LEU A 430 6.83 -19.21 -16.89
N ARG A 431 7.20 -20.13 -17.79
CA ARG A 431 6.27 -20.97 -18.56
C ARG A 431 6.59 -22.44 -18.26
N SER A 432 5.57 -23.21 -17.85
CA SER A 432 5.70 -24.66 -17.57
C SER A 432 5.89 -25.42 -18.89
N GLU A 433 6.85 -26.36 -18.93
CA GLU A 433 6.99 -27.26 -20.10
C GLU A 433 7.58 -28.62 -19.68
N ASP A 434 6.87 -29.68 -20.12
CA ASP A 434 7.19 -31.13 -20.07
C ASP A 434 5.88 -31.92 -19.89
#